data_6B42
#
_entry.id   6B42
#
_cell.length_a   39.738
_cell.length_b   39.738
_cell.length_c   141.133
_cell.angle_alpha   90.000
_cell.angle_beta   90.000
_cell.angle_gamma   90.000
#
_symmetry.space_group_name_H-M   'P 43 21 2'
#
loop_
_entity.id
_entity.type
_entity.pdbx_description
1 polymer 'Histidine triad nucleotide-binding protein 1'
2 non-polymer "2'-DEOXYADENOSINE-5'-MONOPHOSPHATE"
3 water water
#
_entity_poly.entity_id   1
_entity_poly.type   'polypeptide(L)'
_entity_poly.pdbx_seq_one_letter_code
;SNAMADEIAKAQVARPGGDTIFGKIIRKEIPAKIIFEDDRCLAFHDISPQAPTHFLVIPKKHISQISVAEDDDESLLGHL
MIVGKKCAADLGLNKGYRMVVNEGSDGGQSVYHVHLHVLGGRQMHWPPG
;
_entity_poly.pdbx_strand_id   A
#
loop_
_chem_comp.id
_chem_comp.type
_chem_comp.name
_chem_comp.formula
D5M non-polymer 2'-DEOXYADENOSINE-5'-MONOPHOSPHATE 'C10 H14 N5 O6 P'
#
# COMPACT_ATOMS: atom_id res chain seq x y z
N GLY A 17 12.26 -19.12 -4.22
CA GLY A 17 12.13 -17.84 -3.56
C GLY A 17 11.53 -17.98 -2.17
N GLY A 18 10.22 -18.17 -2.11
CA GLY A 18 9.51 -18.36 -0.86
C GLY A 18 9.05 -17.07 -0.21
N ASP A 19 9.27 -15.95 -0.88
CA ASP A 19 8.84 -14.64 -0.39
C ASP A 19 7.37 -14.41 -0.78
N THR A 20 6.86 -13.21 -0.49
CA THR A 20 5.48 -12.89 -0.80
C THR A 20 5.33 -12.35 -2.21
N ILE A 21 4.09 -12.15 -2.62
CA ILE A 21 3.81 -11.56 -3.93
C ILE A 21 4.48 -10.19 -4.03
N PHE A 22 4.46 -9.41 -2.96
CA PHE A 22 5.01 -8.06 -3.04
C PHE A 22 6.54 -8.09 -2.96
N GLY A 23 7.11 -9.07 -2.29
CA GLY A 23 8.54 -9.31 -2.40
C GLY A 23 8.93 -9.57 -3.85
N LYS A 24 8.12 -10.37 -4.53
CA LYS A 24 8.36 -10.68 -5.93
C LYS A 24 8.19 -9.44 -6.82
N ILE A 25 7.24 -8.57 -6.51
CA ILE A 25 7.10 -7.33 -7.27
C ILE A 25 8.35 -6.47 -7.10
N ILE A 26 8.85 -6.36 -5.89
CA ILE A 26 10.05 -5.58 -5.63
C ILE A 26 11.25 -6.11 -6.43
N ARG A 27 11.38 -7.42 -6.52
CA ARG A 27 12.49 -7.99 -7.27
C ARG A 27 12.16 -8.25 -8.75
N LYS A 28 11.05 -7.69 -9.21
CA LYS A 28 10.63 -7.74 -10.62
C LYS A 28 10.51 -9.18 -11.13
N GLU A 29 10.02 -10.05 -10.25
CA GLU A 29 9.70 -11.45 -10.57
C GLU A 29 8.23 -11.62 -10.93
N ILE A 30 7.41 -10.73 -10.38
CA ILE A 30 5.98 -10.64 -10.67
C ILE A 30 5.74 -9.23 -11.21
N PRO A 31 5.05 -9.12 -12.37
CA PRO A 31 4.93 -7.79 -12.97
C PRO A 31 3.88 -6.89 -12.29
N ALA A 32 4.12 -5.59 -12.43
CA ALA A 32 3.22 -4.60 -11.89
C ALA A 32 3.41 -3.27 -12.59
N LYS A 33 2.32 -2.52 -12.68
CA LYS A 33 2.34 -1.18 -13.25
C LYS A 33 2.67 -0.20 -12.15
N ILE A 34 3.93 0.24 -12.15
CA ILE A 34 4.48 1.03 -11.05
C ILE A 34 4.29 2.51 -11.35
N ILE A 35 3.67 3.23 -10.42
CA ILE A 35 3.33 4.64 -10.63
C ILE A 35 4.21 5.59 -9.82
N PHE A 36 4.98 5.05 -8.89
CA PHE A 36 5.92 5.83 -8.10
C PHE A 36 6.99 4.88 -7.61
N GLU A 37 8.23 5.33 -7.62
CA GLU A 37 9.32 4.57 -7.04
C GLU A 37 10.38 5.53 -6.53
N ASP A 38 10.84 5.31 -5.31
CA ASP A 38 12.03 5.99 -4.80
C ASP A 38 12.90 4.95 -4.12
N ASP A 39 13.88 5.40 -3.34
CA ASP A 39 14.80 4.47 -2.70
C ASP A 39 14.16 3.67 -1.55
N ARG A 40 12.94 4.03 -1.15
CA ARG A 40 12.31 3.46 0.04
CA ARG A 40 12.31 3.46 0.04
C ARG A 40 11.03 2.68 -0.24
N CYS A 41 10.39 2.91 -1.37
CA CYS A 41 9.05 2.36 -1.59
C CYS A 41 8.69 2.33 -3.05
N LEU A 42 7.59 1.63 -3.33
CA LEU A 42 6.99 1.50 -4.64
C LEU A 42 5.49 1.68 -4.51
N ALA A 43 4.85 2.23 -5.52
CA ALA A 43 3.39 2.24 -5.60
C ALA A 43 2.96 1.66 -6.94
N PHE A 44 1.87 0.89 -6.93
CA PHE A 44 1.40 0.24 -8.15
C PHE A 44 -0.09 -0.01 -8.06
N HIS A 45 -0.71 -0.16 -9.22
CA HIS A 45 -2.13 -0.40 -9.27
C HIS A 45 -2.50 -1.78 -8.74
N ASP A 46 -3.60 -1.85 -8.02
CA ASP A 46 -4.10 -3.11 -7.48
C ASP A 46 -4.70 -3.94 -8.61
N ILE A 47 -4.42 -5.24 -8.61
CA ILE A 47 -4.85 -6.14 -9.66
C ILE A 47 -6.34 -6.47 -9.59
N SER A 48 -6.94 -6.19 -8.44
CA SER A 48 -8.35 -6.47 -8.19
C SER A 48 -8.99 -5.20 -7.63
N PRO A 49 -9.11 -4.16 -8.46
CA PRO A 49 -9.53 -2.84 -7.95
C PRO A 49 -10.95 -2.83 -7.44
N GLN A 50 -11.13 -2.11 -6.34
CA GLN A 50 -12.42 -2.00 -5.66
C GLN A 50 -13.01 -0.60 -5.81
N ALA A 51 -12.35 0.24 -6.60
CA ALA A 51 -12.81 1.59 -6.87
C ALA A 51 -12.16 2.01 -8.19
N PRO A 52 -12.66 3.08 -8.82
CA PRO A 52 -12.10 3.47 -10.11
C PRO A 52 -10.59 3.73 -10.04
N THR A 53 -10.12 4.24 -8.90
CA THR A 53 -8.70 4.28 -8.61
C THR A 53 -8.44 3.44 -7.37
N HIS A 54 -7.51 2.49 -7.48
CA HIS A 54 -7.15 1.64 -6.35
C HIS A 54 -5.72 1.21 -6.54
N PHE A 55 -4.82 1.76 -5.72
CA PHE A 55 -3.41 1.42 -5.81
C PHE A 55 -2.87 1.11 -4.43
N LEU A 56 -1.68 0.53 -4.40
CA LEU A 56 -1.00 0.11 -3.18
C LEU A 56 0.31 0.83 -3.09
N VAL A 57 0.72 1.14 -1.88
CA VAL A 57 2.05 1.70 -1.62
C VAL A 57 2.76 0.74 -0.66
N ILE A 58 3.96 0.30 -1.02
CA ILE A 58 4.66 -0.70 -0.23
C ILE A 58 6.10 -0.26 0.02
N PRO A 59 6.63 -0.59 1.20
CA PRO A 59 8.06 -0.35 1.42
C PRO A 59 8.89 -1.38 0.69
N LYS A 60 10.11 -1.01 0.32
CA LYS A 60 11.05 -1.97 -0.21
C LYS A 60 11.59 -2.88 0.89
N LYS A 61 11.69 -2.35 2.10
CA LYS A 61 12.04 -3.17 3.28
C LYS A 61 10.93 -4.16 3.56
N HIS A 62 11.29 -5.40 3.85
CA HIS A 62 10.29 -6.40 4.22
C HIS A 62 9.93 -6.32 5.70
N ILE A 63 8.65 -6.05 5.95
CA ILE A 63 8.04 -6.12 7.26
C ILE A 63 6.78 -6.94 7.01
N SER A 64 6.55 -8.01 7.75
CA SER A 64 5.49 -8.94 7.37
C SER A 64 4.08 -8.36 7.54
N GLN A 65 3.91 -7.50 8.55
CA GLN A 65 2.59 -6.96 8.86
C GLN A 65 2.77 -5.85 9.87
N ILE A 66 1.77 -4.99 9.95
CA ILE A 66 1.90 -3.76 10.72
C ILE A 66 2.10 -4.12 12.20
N SER A 67 1.55 -5.25 12.64
CA SER A 67 1.64 -5.62 14.05
C SER A 67 3.07 -5.96 14.50
N VAL A 68 3.99 -6.16 13.56
CA VAL A 68 5.39 -6.40 13.92
C VAL A 68 6.33 -5.26 13.48
N ALA A 69 5.77 -4.17 12.98
CA ALA A 69 6.58 -3.01 12.65
C ALA A 69 7.16 -2.44 13.94
N GLU A 70 8.32 -1.79 13.82
CA GLU A 70 9.04 -1.30 14.98
C GLU A 70 9.03 0.22 15.04
N ASP A 71 9.39 0.76 16.21
CA ASP A 71 9.38 2.19 16.41
C ASP A 71 10.19 2.93 15.36
N ASP A 72 11.34 2.38 15.01
CA ASP A 72 12.19 3.08 14.05
C ASP A 72 11.70 2.95 12.60
N ASP A 73 10.61 2.22 12.38
CA ASP A 73 9.92 2.21 11.09
C ASP A 73 8.92 3.35 10.94
N GLU A 74 8.77 4.22 11.93
CA GLU A 74 7.75 5.26 11.87
CA GLU A 74 7.72 5.23 11.85
C GLU A 74 7.90 6.15 10.64
N SER A 75 9.11 6.60 10.36
CA SER A 75 9.31 7.48 9.22
CA SER A 75 9.29 7.50 9.21
C SER A 75 8.93 6.81 7.89
N LEU A 76 9.31 5.53 7.77
CA LEU A 76 8.98 4.74 6.59
C LEU A 76 7.47 4.58 6.44
N LEU A 77 6.78 4.27 7.53
CA LEU A 77 5.34 4.08 7.45
C LEU A 77 4.66 5.39 7.07
N GLY A 78 5.09 6.50 7.66
CA GLY A 78 4.53 7.78 7.28
C GLY A 78 4.84 8.14 5.84
N HIS A 79 6.02 7.74 5.38
CA HIS A 79 6.39 7.94 3.99
C HIS A 79 5.41 7.25 3.05
N LEU A 80 4.92 6.06 3.42
CA LEU A 80 3.92 5.41 2.58
C LEU A 80 2.67 6.27 2.43
N MET A 81 2.25 6.92 3.51
CA MET A 81 1.06 7.77 3.47
CA MET A 81 1.07 7.77 3.47
C MET A 81 1.32 9.03 2.64
N ILE A 82 2.49 9.64 2.78
CA ILE A 82 2.82 10.80 1.98
C ILE A 82 2.91 10.46 0.50
N VAL A 83 3.51 9.32 0.17
CA VAL A 83 3.54 8.88 -1.20
C VAL A 83 2.12 8.59 -1.70
N GLY A 84 1.29 7.99 -0.85
CA GLY A 84 -0.10 7.79 -1.20
C GLY A 84 -0.79 9.09 -1.55
N LYS A 85 -0.56 10.12 -0.74
CA LYS A 85 -1.08 11.46 -0.99
C LYS A 85 -0.62 11.99 -2.35
N LYS A 86 0.66 11.87 -2.64
CA LYS A 86 1.23 12.39 -3.88
C LYS A 86 0.64 11.65 -5.09
N CYS A 87 0.56 10.33 -4.98
CA CYS A 87 0.01 9.54 -6.07
C CYS A 87 -1.48 9.83 -6.28
N ALA A 88 -2.22 10.01 -5.19
CA ALA A 88 -3.64 10.34 -5.31
C ALA A 88 -3.83 11.65 -6.06
N ALA A 89 -2.98 12.63 -5.76
CA ALA A 89 -3.05 13.90 -6.47
C ALA A 89 -2.70 13.72 -7.94
N ASP A 90 -1.66 12.95 -8.23
CA ASP A 90 -1.26 12.68 -9.62
C ASP A 90 -2.41 12.06 -10.41
N LEU A 91 -3.15 11.17 -9.75
CA LEU A 91 -4.24 10.43 -10.39
C LEU A 91 -5.57 11.19 -10.34
N GLY A 92 -5.53 12.44 -9.87
CA GLY A 92 -6.70 13.31 -9.94
C GLY A 92 -7.79 13.09 -8.90
N LEU A 93 -7.42 12.56 -7.73
CA LEU A 93 -8.41 12.26 -6.70
C LEU A 93 -8.71 13.50 -5.87
N ASN A 94 -9.25 14.51 -6.52
CA ASN A 94 -9.50 15.81 -5.89
C ASN A 94 -10.73 15.81 -4.99
N LYS A 95 -11.59 14.81 -5.12
CA LYS A 95 -12.77 14.71 -4.27
C LYS A 95 -12.53 13.85 -3.02
N GLY A 96 -11.33 13.30 -2.89
CA GLY A 96 -10.96 12.53 -1.70
C GLY A 96 -10.65 11.07 -1.97
N TYR A 97 -10.41 10.33 -0.90
CA TYR A 97 -10.00 8.94 -1.01
C TYR A 97 -9.97 8.33 0.38
N ARG A 98 -9.72 7.03 0.43
CA ARG A 98 -9.59 6.32 1.69
C ARG A 98 -8.30 5.52 1.65
N MET A 99 -7.56 5.56 2.75
CA MET A 99 -6.37 4.72 2.93
C MET A 99 -6.67 3.59 3.89
N VAL A 100 -6.15 2.41 3.61
CA VAL A 100 -6.46 1.23 4.41
C VAL A 100 -5.23 0.36 4.61
N VAL A 101 -5.06 -0.14 5.83
CA VAL A 101 -4.09 -1.21 6.10
C VAL A 101 -4.84 -2.39 6.71
N ASN A 102 -4.67 -3.56 6.10
CA ASN A 102 -5.27 -4.81 6.57
C ASN A 102 -4.26 -5.62 7.37
N GLU A 103 -4.58 -5.91 8.64
CA GLU A 103 -3.71 -6.69 9.51
C GLU A 103 -4.34 -8.02 9.89
N GLY A 104 -3.65 -9.10 9.55
CA GLY A 104 -4.04 -10.42 10.01
C GLY A 104 -5.36 -10.93 9.50
N SER A 105 -5.85 -11.96 10.18
CA SER A 105 -7.03 -12.67 9.73
CA SER A 105 -7.04 -12.68 9.77
C SER A 105 -8.27 -11.78 9.72
N ASP A 106 -8.54 -11.09 10.82
CA ASP A 106 -9.72 -10.24 10.90
C ASP A 106 -9.62 -9.03 9.97
N GLY A 107 -8.40 -8.58 9.67
CA GLY A 107 -8.22 -7.51 8.71
C GLY A 107 -8.38 -7.97 7.28
N GLY A 108 -8.46 -9.28 7.09
CA GLY A 108 -8.52 -9.85 5.75
C GLY A 108 -7.19 -9.88 5.01
N GLN A 109 -6.08 -9.68 5.72
CA GLN A 109 -4.77 -9.64 5.08
C GLN A 109 -4.48 -10.90 4.27
N SER A 110 -4.04 -10.68 3.04
CA SER A 110 -3.71 -11.75 2.07
C SER A 110 -2.20 -11.85 1.86
N VAL A 111 -1.56 -10.69 1.79
CA VAL A 111 -0.16 -10.59 1.43
C VAL A 111 0.60 -10.05 2.63
N TYR A 112 1.47 -10.90 3.19
CA TYR A 112 2.19 -10.60 4.42
C TYR A 112 3.51 -9.85 4.15
N HIS A 113 3.33 -8.66 3.59
CA HIS A 113 4.36 -7.66 3.40
C HIS A 113 3.59 -6.35 3.56
N VAL A 114 3.96 -5.54 4.56
CA VAL A 114 3.20 -4.34 4.92
CA VAL A 114 3.11 -4.42 4.90
C VAL A 114 2.90 -3.48 3.71
N HIS A 115 1.68 -2.97 3.62
CA HIS A 115 1.31 -2.09 2.54
C HIS A 115 0.05 -1.30 2.87
N LEU A 116 -0.10 -0.21 2.14
CA LEU A 116 -1.21 0.72 2.27
CA LEU A 116 -1.21 0.72 2.27
C LEU A 116 -2.04 0.71 1.00
N HIS A 117 -3.35 0.56 1.12
CA HIS A 117 -4.28 0.76 -0.01
C HIS A 117 -4.69 2.23 -0.08
N VAL A 118 -4.87 2.74 -1.30
CA VAL A 118 -5.52 4.02 -1.52
C VAL A 118 -6.62 3.79 -2.54
N LEU A 119 -7.85 4.15 -2.17
CA LEU A 119 -9.04 3.96 -3.01
C LEU A 119 -9.74 5.29 -3.20
N GLY A 120 -10.15 5.58 -4.44
CA GLY A 120 -10.92 6.77 -4.70
C GLY A 120 -11.64 6.70 -6.04
N GLY A 121 -12.25 7.81 -6.41
CA GLY A 121 -13.00 7.90 -7.65
C GLY A 121 -14.45 7.49 -7.53
N ARG A 122 -14.89 7.21 -6.30
CA ARG A 122 -16.29 6.96 -5.99
C ARG A 122 -16.49 7.32 -4.53
N GLN A 123 -17.75 7.48 -4.14
CA GLN A 123 -18.07 7.62 -2.73
C GLN A 123 -17.72 6.33 -2.01
N MET A 124 -16.90 6.45 -0.97
CA MET A 124 -16.61 5.33 -0.08
C MET A 124 -17.67 5.31 1.04
N HIS A 125 -18.07 4.12 1.44
CA HIS A 125 -19.18 3.89 2.35
C HIS A 125 -18.68 3.60 3.77
N TRP A 126 -19.61 3.46 4.71
CA TRP A 126 -19.27 3.21 6.10
C TRP A 126 -20.24 2.16 6.62
N PRO A 127 -19.76 1.19 7.43
CA PRO A 127 -18.39 0.99 7.91
C PRO A 127 -17.44 0.62 6.79
N PRO A 128 -16.13 0.71 7.07
CA PRO A 128 -15.12 0.42 6.05
C PRO A 128 -14.84 -1.08 6.01
N GLY A 129 -15.84 -1.83 5.60
CA GLY A 129 -15.86 -3.27 5.78
C GLY A 129 -16.29 -3.68 7.17
O5' D5M B . -4.77 -8.15 0.07
C5' D5M B . -3.84 -8.13 -1.02
C4' D5M B . -4.13 -7.01 -2.01
O4' D5M B . -3.10 -7.02 -3.00
C3' D5M B . -5.46 -7.19 -2.74
O3' D5M B . -6.16 -5.95 -2.87
C2' D5M B . -5.04 -7.72 -4.11
C1' D5M B . -3.66 -7.11 -4.29
N9 D5M B . -2.78 -7.92 -5.13
C8 D5M B . -2.50 -9.24 -4.98
N7 D5M B . -1.66 -9.67 -5.94
C5 D5M B . -1.37 -8.59 -6.69
C6 D5M B . -0.56 -8.34 -7.86
N6 D5M B . 0.12 -9.37 -8.43
N1 D5M B . -0.52 -7.10 -8.36
C2 D5M B . -1.21 -6.08 -7.81
N3 D5M B . -2.01 -6.21 -6.73
C4 D5M B . -2.11 -7.44 -6.16
P D5M B . -4.37 -7.47 1.48
O1P D5M B . -5.61 -7.62 2.31
O3P D5M B . -4.09 -6.01 1.14
O2P D5M B . -3.17 -8.17 2.04
H5'1 D5M B . -3.88 -9.09 -1.54
H5'2 D5M B . -2.82 -8.01 -0.63
H4' D5M B . -4.15 -6.05 -1.47
H1 D5M B . -6.07 -7.94 -2.22
H3' D5M B . -5.56 -5.28 -3.22
H2'1 D5M B . -5.73 -7.40 -4.88
H2'2 D5M B . -4.99 -8.81 -4.10
H1' D5M B . -3.78 -6.10 -4.73
H8 D5M B . -2.94 -9.87 -4.22
HN61 D5M B . 0.08 -10.29 -8.01
HN62 D5M B . 0.71 -9.20 -9.23
H2 D5M B . -1.13 -5.10 -8.27
#